data_6UUK
#
_entry.id   6UUK
#
_cell.length_a   82.443
_cell.length_b   82.443
_cell.length_c   149.293
_cell.angle_alpha   90.000
_cell.angle_beta   90.000
_cell.angle_gamma   120.000
#
_symmetry.space_group_name_H-M   'P 63'
#
loop_
_entity.id
_entity.type
_entity.pdbx_description
1 polymer 'Muramoyltetrapeptide carboxypeptidase'
2 water water
#
_entity_poly.entity_id   1
_entity_poly.type   'polypeptide(L)'
_entity_poly.pdbx_seq_one_letter_code
;AGSSLQETEEVAVANE(MSE)SEAGSVDTDRFNVPLQKEKKRQSPREKQKRV(MSE)NTEKTGIAIIAPGGYVPDSDLQR
AIGVLKSRGYEVFNYVDPQKRHERFAANDEERSRQI(MSE)EAATNPDVKIVIALRGGYGTTRLLHDLDFAKLAKSGKLF
VGHSDFTVFE(MSE)ALLKHGAVSFSGP(MSE)IQSDFTRGDLSAFTLNHFDET(MSE)TSPETSVKWVSKDNPDVDVEG
TLWGGNLT(MSE)LAH(MSE)AGTPW(MSE)PDISGGILFVEDIHEHPYRVER(MSE)LLQLDESGILKKQKALVLGHFS
EFKLSDYDNGYDFNA(MSE)LSWLRSRLSIPVVTGLPFGHTKDKVTLPVGGRAHL(MSE)SKAGKIQLDIGDYPTVR
;
_entity_poly.pdbx_strand_id   A,B
#
# COMPACT_ATOMS: atom_id res chain seq x y z
N ILE A 56 29.16 -9.58 -14.55
CA ILE A 56 28.13 -8.58 -14.28
C ILE A 56 27.12 -8.45 -15.39
N ALA A 57 25.87 -8.79 -15.10
CA ALA A 57 24.77 -8.70 -16.06
C ALA A 57 23.84 -7.57 -15.67
N ILE A 58 23.41 -6.80 -16.68
CA ILE A 58 22.50 -5.69 -16.45
C ILE A 58 21.13 -5.92 -17.06
N ILE A 59 20.22 -6.48 -16.28
CA ILE A 59 18.86 -6.73 -16.74
C ILE A 59 17.95 -5.55 -16.41
N ALA A 60 16.78 -5.55 -17.03
CA ALA A 60 15.79 -4.49 -16.85
C ALA A 60 14.46 -5.10 -16.44
N PRO A 61 14.12 -5.08 -15.15
CA PRO A 61 12.84 -5.68 -14.73
C PRO A 61 11.63 -4.85 -15.11
N GLY A 62 11.80 -3.55 -15.35
CA GLY A 62 10.66 -2.71 -15.71
C GLY A 62 10.96 -1.23 -15.58
N GLY A 63 12.06 -0.78 -16.17
CA GLY A 63 12.44 0.61 -16.09
C GLY A 63 12.94 1.18 -17.41
N TYR A 64 12.45 2.36 -17.76
CA TYR A 64 12.89 3.07 -18.95
C TYR A 64 13.97 4.08 -18.54
N VAL A 65 15.20 3.85 -19.01
CA VAL A 65 16.34 4.68 -18.62
C VAL A 65 16.85 5.40 -19.87
N PRO A 66 17.30 6.66 -19.75
CA PRO A 66 17.90 7.34 -20.91
C PRO A 66 18.98 6.50 -21.57
N ASP A 67 19.05 6.58 -22.89
CA ASP A 67 19.90 5.68 -23.66
C ASP A 67 21.38 5.97 -23.43
N SER A 68 21.76 7.25 -23.34
CA SER A 68 23.16 7.60 -23.21
C SER A 68 23.68 7.41 -21.79
N ASP A 69 22.80 7.54 -20.79
CA ASP A 69 23.24 7.40 -19.40
C ASP A 69 23.65 5.96 -19.09
N LEU A 70 22.99 4.98 -19.71
CA LEU A 70 23.39 3.59 -19.50
C LEU A 70 24.76 3.32 -20.11
N GLN A 71 25.00 3.80 -21.34
CA GLN A 71 26.33 3.69 -21.93
C GLN A 71 27.37 4.39 -21.08
N ARG A 72 27.00 5.49 -20.42
CA ARG A 72 27.91 6.17 -19.51
C ARG A 72 28.19 5.32 -18.28
N ALA A 73 27.16 4.65 -17.76
CA ALA A 73 27.34 3.78 -16.60
C ALA A 73 28.10 2.52 -16.94
N ILE A 74 28.14 2.13 -18.22
CA ILE A 74 28.94 0.98 -18.62
C ILE A 74 30.42 1.27 -18.41
N GLY A 75 30.87 2.47 -18.80
CA GLY A 75 32.26 2.83 -18.59
C GLY A 75 32.65 2.87 -17.13
N VAL A 76 31.71 3.23 -16.26
CA VAL A 76 31.98 3.21 -14.82
C VAL A 76 32.21 1.78 -14.35
N LEU A 77 31.41 0.84 -14.85
CA LEU A 77 31.57 -0.56 -14.46
C LEU A 77 32.89 -1.14 -15.00
N LYS A 78 33.26 -0.77 -16.22
CA LYS A 78 34.47 -1.31 -16.83
C LYS A 78 35.73 -0.68 -16.22
N SER A 79 35.66 0.61 -15.88
CA SER A 79 36.81 1.29 -15.29
C SER A 79 37.10 0.81 -13.88
N ARG A 80 36.20 0.05 -13.26
CA ARG A 80 36.42 -0.53 -11.93
C ARG A 80 36.68 -2.03 -12.00
N GLY A 81 36.90 -2.57 -13.20
CA GLY A 81 37.22 -3.98 -13.34
C GLY A 81 36.02 -4.89 -13.24
N TYR A 82 35.24 -4.99 -14.31
CA TYR A 82 34.06 -5.85 -14.31
C TYR A 82 33.64 -6.10 -15.76
N GLU A 83 33.40 -7.36 -16.10
CA GLU A 83 32.91 -7.73 -17.42
C GLU A 83 31.41 -7.44 -17.49
N VAL A 84 31.02 -6.53 -18.37
CA VAL A 84 29.65 -6.04 -18.47
C VAL A 84 28.94 -6.78 -19.59
N PHE A 85 27.73 -7.25 -19.31
CA PHE A 85 26.88 -7.91 -20.31
C PHE A 85 25.47 -7.35 -20.16
N ASN A 86 25.06 -6.53 -21.11
CA ASN A 86 23.77 -5.86 -21.06
C ASN A 86 22.73 -6.61 -21.89
N TYR A 87 21.58 -6.89 -21.29
CA TYR A 87 20.46 -7.51 -21.98
C TYR A 87 19.35 -6.50 -22.31
N VAL A 88 19.66 -5.21 -22.25
CA VAL A 88 18.68 -4.17 -22.52
C VAL A 88 18.79 -3.69 -23.97
N ARG A 93 11.38 -1.60 -26.03
CA ARG A 93 10.72 -0.63 -25.15
C ARG A 93 9.20 -0.76 -25.24
N HIS A 94 8.52 -0.50 -24.13
CA HIS A 94 7.05 -0.61 -24.10
C HIS A 94 6.55 0.28 -22.97
N GLU A 95 6.08 1.48 -23.32
CA GLU A 95 5.46 2.43 -22.38
C GLU A 95 6.50 2.78 -21.32
N ARG A 96 6.19 2.65 -20.04
CA ARG A 96 7.14 2.95 -18.97
C ARG A 96 8.23 1.90 -18.83
N PHE A 97 8.06 0.74 -19.46
CA PHE A 97 8.94 -0.40 -19.25
C PHE A 97 9.93 -0.53 -20.40
N ALA A 98 11.05 -1.21 -20.12
CA ALA A 98 12.09 -1.41 -21.11
C ALA A 98 11.69 -2.42 -22.19
N ALA A 99 10.60 -3.14 -21.99
CA ALA A 99 10.08 -4.11 -22.96
C ALA A 99 8.71 -4.54 -22.48
N ASN A 100 8.14 -5.54 -23.15
CA ASN A 100 6.88 -6.13 -22.71
C ASN A 100 7.15 -7.04 -21.50
N ASP A 101 6.07 -7.59 -20.94
CA ASP A 101 6.21 -8.46 -19.78
C ASP A 101 6.95 -9.74 -20.12
N GLU A 102 6.64 -10.33 -21.28
CA GLU A 102 7.28 -11.59 -21.66
C GLU A 102 8.75 -11.38 -22.01
N GLU A 103 9.07 -10.27 -22.67
CA GLU A 103 10.46 -9.99 -23.03
C GLU A 103 11.28 -9.63 -21.78
N ARG A 104 10.72 -8.78 -20.92
CA ARG A 104 11.40 -8.46 -19.66
C ARG A 104 11.51 -9.69 -18.76
N SER A 105 10.62 -10.66 -18.94
CA SER A 105 10.76 -11.94 -18.23
C SER A 105 11.84 -12.80 -18.86
N ARG A 106 11.96 -12.77 -20.19
CA ARG A 106 12.92 -13.64 -20.87
C ARG A 106 14.35 -13.13 -20.67
N GLN A 107 14.54 -11.81 -20.62
CA GLN A 107 15.88 -11.26 -20.45
C GLN A 107 16.50 -11.67 -19.13
N ILE A 108 15.68 -11.81 -18.08
CA ILE A 108 16.22 -12.24 -16.79
C ILE A 108 16.52 -13.73 -16.82
N GLU A 110 17.42 -15.54 -19.55
CA GLU A 110 18.62 -15.74 -20.34
C GLU A 110 19.86 -15.25 -19.61
N ALA A 111 19.72 -14.20 -18.81
CA ALA A 111 20.86 -13.71 -18.03
C ALA A 111 21.28 -14.70 -16.96
N ALA A 112 20.32 -15.43 -16.39
CA ALA A 112 20.62 -16.44 -15.38
C ALA A 112 21.17 -17.72 -15.97
N THR A 113 21.27 -17.81 -17.30
CA THR A 113 21.82 -19.00 -17.95
C THR A 113 23.18 -18.76 -18.58
N ASN A 114 23.63 -17.52 -18.68
CA ASN A 114 24.93 -17.23 -19.27
C ASN A 114 26.04 -17.64 -18.30
N PRO A 115 26.93 -18.55 -18.69
CA PRO A 115 28.00 -18.98 -17.76
C PRO A 115 28.96 -17.85 -17.39
N ASP A 116 29.17 -16.88 -18.28
CA ASP A 116 30.07 -15.78 -18.02
C ASP A 116 29.45 -14.67 -17.17
N VAL A 117 28.40 -14.98 -16.40
CA VAL A 117 27.68 -14.01 -15.60
C VAL A 117 27.70 -14.47 -14.14
N LYS A 118 28.09 -13.55 -13.26
CA LYS A 118 28.07 -13.80 -11.82
C LYS A 118 27.12 -12.87 -11.07
N ILE A 119 27.12 -11.58 -11.40
CA ILE A 119 26.30 -10.59 -10.73
C ILE A 119 25.23 -10.10 -11.70
N VAL A 120 23.98 -10.05 -11.24
CA VAL A 120 22.86 -9.56 -12.01
C VAL A 120 22.32 -8.32 -11.31
N ILE A 121 22.60 -7.15 -11.88
CA ILE A 121 22.18 -5.88 -11.30
C ILE A 121 20.99 -5.35 -12.09
N ALA A 122 19.97 -4.88 -11.38
CA ALA A 122 18.77 -4.37 -12.02
C ALA A 122 19.04 -3.00 -12.65
N LEU A 123 18.24 -2.67 -13.66
CA LEU A 123 18.41 -1.40 -14.36
C LEU A 123 17.75 -0.26 -13.59
N ARG A 124 16.45 -0.36 -13.35
CA ARG A 124 15.70 0.68 -12.67
C ARG A 124 14.70 0.05 -11.71
N GLY A 125 14.39 0.76 -10.64
CA GLY A 125 13.46 0.26 -9.64
C GLY A 125 12.20 1.10 -9.53
N GLY A 126 11.49 1.27 -10.64
CA GLY A 126 10.25 2.02 -10.63
C GLY A 126 9.04 1.14 -10.38
N TYR A 127 8.59 0.44 -11.42
CA TYR A 127 7.44 -0.45 -11.31
C TYR A 127 7.46 -1.41 -12.49
N GLY A 128 7.15 -2.68 -12.23
CA GLY A 128 7.06 -3.65 -13.30
C GLY A 128 7.59 -5.03 -12.96
N THR A 129 8.23 -5.17 -11.79
CA THR A 129 8.78 -6.47 -11.43
C THR A 129 7.73 -7.41 -10.84
N THR A 130 6.61 -6.87 -10.34
CA THR A 130 5.53 -7.73 -9.90
C THR A 130 4.82 -8.39 -11.07
N ARG A 131 4.80 -7.71 -12.22
CA ARG A 131 4.31 -8.35 -13.45
C ARG A 131 5.15 -9.58 -13.80
N LEU A 132 6.41 -9.60 -13.38
CA LEU A 132 7.34 -10.67 -13.75
C LEU A 132 7.51 -11.65 -12.59
N LEU A 133 6.43 -12.32 -12.24
CA LEU A 133 6.45 -13.31 -11.16
C LEU A 133 5.94 -14.67 -11.60
N HIS A 134 4.90 -14.72 -12.43
CA HIS A 134 4.36 -15.98 -12.93
C HIS A 134 5.10 -16.49 -14.16
N ASP A 135 5.60 -15.59 -15.00
CA ASP A 135 6.38 -16.01 -16.17
C ASP A 135 7.79 -16.41 -15.82
N LEU A 136 8.19 -16.28 -14.55
CA LEU A 136 9.54 -16.59 -14.11
C LEU A 136 9.54 -17.87 -13.27
N ASP A 137 10.67 -18.56 -13.27
CA ASP A 137 10.85 -19.79 -12.50
C ASP A 137 11.92 -19.51 -11.44
N PHE A 138 11.46 -19.13 -10.25
CA PHE A 138 12.39 -18.82 -9.16
C PHE A 138 13.07 -20.08 -8.61
N ALA A 139 12.54 -21.27 -8.91
CA ALA A 139 13.23 -22.50 -8.54
C ALA A 139 14.53 -22.64 -9.32
N LYS A 140 14.48 -22.38 -10.63
CA LYS A 140 15.70 -22.41 -11.43
C LYS A 140 16.60 -21.22 -11.11
N LEU A 141 16.00 -20.09 -10.71
CA LEU A 141 16.80 -18.93 -10.32
C LEU A 141 17.60 -19.19 -9.05
N ALA A 142 17.05 -20.00 -8.13
CA ALA A 142 17.79 -20.34 -6.92
C ALA A 142 18.98 -21.25 -7.26
N LYS A 143 18.81 -22.17 -8.20
CA LYS A 143 19.89 -23.04 -8.64
C LYS A 143 20.86 -22.36 -9.60
N SER A 144 20.56 -21.14 -10.05
CA SER A 144 21.40 -20.48 -11.02
C SER A 144 22.72 -20.01 -10.43
N GLY A 145 22.80 -19.86 -9.12
CA GLY A 145 24.02 -19.40 -8.50
C GLY A 145 24.41 -17.97 -8.82
N LYS A 146 23.46 -17.17 -9.29
CA LYS A 146 23.73 -15.78 -9.63
C LYS A 146 23.60 -14.88 -8.41
N LEU A 147 24.13 -13.67 -8.53
CA LEU A 147 24.13 -12.69 -7.45
C LEU A 147 23.25 -11.52 -7.90
N PHE A 148 21.97 -11.59 -7.54
CA PHE A 148 21.01 -10.56 -7.91
C PHE A 148 21.07 -9.41 -6.91
N VAL A 149 21.34 -8.20 -7.39
CA VAL A 149 21.39 -7.02 -6.55
C VAL A 149 20.37 -6.01 -7.08
N GLY A 150 19.96 -5.11 -6.21
CA GLY A 150 18.99 -4.10 -6.55
C GLY A 150 18.14 -3.72 -5.34
N HIS A 151 17.29 -2.72 -5.54
CA HIS A 151 16.43 -2.22 -4.49
C HIS A 151 15.20 -1.59 -5.12
N SER A 152 14.46 -0.83 -4.31
CA SER A 152 13.24 -0.11 -4.73
C SER A 152 12.24 -1.14 -5.24
N ASP A 153 11.77 -1.05 -6.49
CA ASP A 153 10.80 -2.01 -6.98
C ASP A 153 11.37 -3.43 -7.03
N PHE A 154 12.67 -3.55 -7.30
CA PHE A 154 13.32 -4.85 -7.42
C PHE A 154 13.25 -5.67 -6.12
N THR A 155 12.81 -5.07 -5.01
CA THR A 155 12.68 -5.82 -3.77
C THR A 155 11.69 -6.96 -3.89
N VAL A 156 10.63 -6.80 -4.69
CA VAL A 156 9.65 -7.87 -4.87
C VAL A 156 10.30 -9.10 -5.48
N PHE A 157 11.21 -8.89 -6.43
CA PHE A 157 11.92 -10.01 -7.04
C PHE A 157 12.80 -10.74 -6.03
N GLU A 158 13.36 -10.01 -5.06
CA GLU A 158 14.23 -10.62 -4.08
C GLU A 158 13.47 -11.35 -2.97
N ALA A 160 10.58 -13.19 -3.65
CA ALA A 160 10.26 -14.46 -4.28
C ALA A 160 11.48 -15.37 -4.38
N LEU A 161 12.67 -14.78 -4.51
CA LEU A 161 13.90 -15.57 -4.44
C LEU A 161 14.12 -16.12 -3.04
N LEU A 162 14.00 -15.27 -2.03
CA LEU A 162 14.07 -15.74 -0.65
C LEU A 162 12.93 -16.70 -0.34
N LYS A 163 11.78 -16.52 -1.00
CA LYS A 163 10.69 -17.48 -0.87
C LYS A 163 11.11 -18.87 -1.33
N HIS A 164 12.01 -18.95 -2.32
CA HIS A 164 12.52 -20.21 -2.83
C HIS A 164 13.90 -20.53 -2.27
N GLY A 165 14.27 -19.95 -1.13
CA GLY A 165 15.52 -20.28 -0.49
C GLY A 165 16.77 -19.75 -1.16
N ALA A 166 16.66 -18.66 -1.92
CA ALA A 166 17.80 -18.06 -2.60
C ALA A 166 18.16 -16.75 -1.92
N VAL A 167 19.45 -16.56 -1.69
CA VAL A 167 19.95 -15.35 -1.03
C VAL A 167 20.24 -14.29 -2.08
N SER A 168 19.68 -13.09 -1.87
CA SER A 168 19.88 -11.97 -2.77
C SER A 168 20.67 -10.88 -2.05
N PHE A 169 20.81 -9.73 -2.72
CA PHE A 169 21.55 -8.59 -2.17
C PHE A 169 20.73 -7.33 -2.37
N SER A 170 20.52 -6.57 -1.30
CA SER A 170 19.81 -5.31 -1.35
C SER A 170 20.85 -4.20 -1.32
N GLY A 171 21.21 -3.69 -2.50
CA GLY A 171 22.24 -2.69 -2.62
C GLY A 171 21.95 -1.65 -3.68
N PRO A 172 22.91 -1.45 -4.58
CA PRO A 172 22.80 -0.38 -5.58
C PRO A 172 22.22 -0.87 -6.89
N ILE A 174 21.87 0.45 -11.40
CA ILE A 174 22.54 1.22 -12.44
C ILE A 174 21.89 2.59 -12.61
N GLN A 175 20.60 2.71 -12.30
CA GLN A 175 19.85 3.92 -12.62
C GLN A 175 20.44 5.16 -11.94
N SER A 176 20.81 5.05 -10.67
CA SER A 176 21.29 6.20 -9.92
C SER A 176 22.73 6.04 -9.45
N ASP A 177 23.09 4.88 -8.90
CA ASP A 177 24.42 4.67 -8.34
C ASP A 177 25.51 4.48 -9.38
N PHE A 178 25.15 4.48 -10.68
CA PHE A 178 26.14 4.30 -11.73
C PHE A 178 26.03 5.30 -12.88
N THR A 179 24.87 5.94 -13.07
CA THR A 179 24.72 6.91 -14.14
C THR A 179 25.01 8.34 -13.71
N ARG A 180 24.99 8.62 -12.41
CA ARG A 180 25.19 9.99 -11.94
C ARG A 180 26.66 10.37 -12.01
N GLY A 181 26.91 11.67 -12.19
CA GLY A 181 28.26 12.19 -12.16
C GLY A 181 28.80 12.42 -10.76
N ASP A 182 27.95 12.36 -9.75
CA ASP A 182 28.36 12.52 -8.36
C ASP A 182 28.53 11.16 -7.69
N LEU A 183 29.50 10.40 -8.23
CA LEU A 183 29.71 9.03 -7.78
C LEU A 183 30.09 8.99 -6.30
N SER A 184 29.55 8.02 -5.59
CA SER A 184 29.80 7.83 -4.17
C SER A 184 30.80 6.69 -3.99
N ALA A 185 31.98 7.01 -3.49
CA ALA A 185 32.96 5.97 -3.20
C ALA A 185 32.46 5.05 -2.08
N PHE A 186 31.63 5.57 -1.19
CA PHE A 186 31.08 4.74 -0.12
C PHE A 186 30.20 3.63 -0.68
N THR A 187 29.32 3.96 -1.62
CA THR A 187 28.40 2.98 -2.18
C THR A 187 29.14 1.95 -3.03
N LEU A 188 30.03 2.42 -3.91
CA LEU A 188 30.68 1.51 -4.86
C LEU A 188 31.66 0.59 -4.16
N ASN A 189 32.39 1.09 -3.16
CA ASN A 189 33.36 0.25 -2.46
C ASN A 189 32.66 -0.80 -1.60
N HIS A 190 31.55 -0.43 -0.97
CA HIS A 190 30.78 -1.41 -0.20
C HIS A 190 30.12 -2.45 -1.09
N PHE A 191 29.89 -2.13 -2.37
CA PHE A 191 29.32 -3.11 -3.28
C PHE A 191 30.32 -4.20 -3.62
N ASP A 192 31.51 -3.82 -4.11
CA ASP A 192 32.52 -4.81 -4.45
C ASP A 192 33.02 -5.56 -3.23
N GLU A 193 32.93 -4.94 -2.05
CA GLU A 193 33.33 -5.63 -0.83
C GLU A 193 32.38 -6.77 -0.51
N THR A 194 31.06 -6.51 -0.59
CA THR A 194 30.09 -7.56 -0.31
C THR A 194 30.14 -8.67 -1.35
N THR A 196 32.93 -9.74 -2.86
CA THR A 196 34.22 -10.43 -2.82
C THR A 196 34.70 -10.68 -1.40
N SER A 197 33.82 -10.63 -0.41
CA SER A 197 34.21 -10.92 0.96
C SER A 197 33.19 -11.86 1.60
N PRO A 198 33.65 -12.83 2.39
CA PRO A 198 32.72 -13.79 3.01
C PRO A 198 31.91 -13.20 4.16
N GLU A 199 32.22 -11.99 4.61
CA GLU A 199 31.50 -11.38 5.72
C GLU A 199 31.47 -9.88 5.56
N THR A 200 30.45 -9.26 6.12
CA THR A 200 30.29 -7.80 6.09
C THR A 200 30.05 -7.29 7.50
N SER A 201 30.20 -5.98 7.67
CA SER A 201 30.00 -5.34 8.97
C SER A 201 29.46 -3.93 8.73
N VAL A 202 28.25 -3.68 9.23
CA VAL A 202 27.57 -2.40 9.07
C VAL A 202 27.53 -1.74 10.44
N LYS A 203 28.40 -0.76 10.65
CA LYS A 203 28.45 0.00 11.90
C LYS A 203 28.13 1.46 11.61
N TRP A 204 27.35 2.07 12.50
CA TRP A 204 26.96 3.46 12.35
C TRP A 204 26.82 4.11 13.72
N VAL A 205 26.36 5.35 13.72
CA VAL A 205 26.12 6.12 14.95
C VAL A 205 24.62 6.26 15.11
N SER A 206 24.10 5.80 16.24
CA SER A 206 22.67 5.86 16.54
C SER A 206 22.43 6.77 17.73
N LYS A 207 21.27 7.43 17.72
CA LYS A 207 20.90 8.34 18.79
C LYS A 207 19.96 7.66 19.78
N PRO A 210 17.70 0.99 22.44
CA PRO A 210 17.66 -0.15 23.34
C PRO A 210 18.88 -1.05 23.20
N ASP A 211 19.10 -1.94 24.17
CA ASP A 211 20.21 -2.89 24.12
C ASP A 211 19.72 -4.15 23.42
N VAL A 212 20.20 -4.38 22.20
CA VAL A 212 19.83 -5.56 21.43
C VAL A 212 21.08 -6.37 21.13
N ASP A 213 20.89 -7.68 20.99
CA ASP A 213 21.96 -8.60 20.63
C ASP A 213 21.34 -9.89 20.11
N VAL A 214 20.70 -9.82 18.95
CA VAL A 214 19.96 -10.94 18.39
C VAL A 214 20.68 -11.43 17.14
N GLU A 215 20.36 -12.67 16.77
CA GLU A 215 20.94 -13.29 15.59
C GLU A 215 19.86 -14.06 14.85
N GLY A 216 19.75 -13.83 13.54
CA GLY A 216 18.75 -14.50 12.75
C GLY A 216 18.93 -14.21 11.29
N THR A 217 17.97 -14.69 10.49
CA THR A 217 18.03 -14.49 9.05
C THR A 217 17.73 -13.05 8.69
N LEU A 218 18.66 -12.41 7.96
CA LEU A 218 18.47 -11.05 7.52
C LEU A 218 17.57 -11.01 6.29
N TRP A 219 16.59 -10.13 6.30
CA TRP A 219 15.68 -9.97 5.17
C TRP A 219 15.00 -8.61 5.28
N GLY A 220 14.53 -8.13 4.14
CA GLY A 220 13.86 -6.85 4.09
C GLY A 220 14.15 -6.15 2.78
N GLY A 221 13.67 -4.92 2.69
CA GLY A 221 13.85 -4.11 1.50
C GLY A 221 12.99 -2.87 1.53
N ASN A 222 12.42 -2.50 0.38
CA ASN A 222 11.56 -1.33 0.32
C ASN A 222 10.28 -1.56 1.10
N LEU A 223 9.89 -0.56 1.90
CA LEU A 223 8.72 -0.71 2.77
C LEU A 223 7.43 -0.78 1.95
N THR A 224 7.34 0.01 0.88
CA THR A 224 6.14 -0.02 0.06
C THR A 224 5.98 -1.36 -0.64
N LEU A 226 7.26 -4.20 0.54
CA LEU A 226 6.97 -5.17 1.60
C LEU A 226 5.49 -5.15 1.98
N ALA A 227 4.91 -3.96 2.09
CA ALA A 227 3.46 -3.87 2.29
C ALA A 227 2.69 -4.40 1.09
N HIS A 228 3.29 -4.36 -0.09
CA HIS A 228 2.65 -4.91 -1.29
C HIS A 228 2.73 -6.43 -1.32
N ALA A 230 2.32 -8.34 1.30
CA ALA A 230 1.49 -8.87 2.37
C ALA A 230 0.29 -9.60 1.82
N GLY A 231 0.07 -10.83 2.30
CA GLY A 231 -1.03 -11.65 1.86
C GLY A 231 -0.77 -12.45 0.60
N THR A 232 0.34 -12.22 -0.09
CA THR A 232 0.70 -12.89 -1.32
C THR A 232 1.60 -14.08 -1.06
N PRO A 233 1.56 -15.10 -1.91
CA PRO A 233 2.44 -16.27 -1.73
C PRO A 233 3.91 -15.96 -1.93
N TRP A 234 4.26 -14.79 -2.47
CA TRP A 234 5.65 -14.43 -2.71
C TRP A 234 6.34 -13.86 -1.49
N PRO A 236 8.24 -14.25 1.89
CA PRO A 236 8.98 -15.28 2.63
C PRO A 236 8.49 -15.37 4.06
N ASP A 237 8.26 -16.60 4.52
CA ASP A 237 7.82 -16.85 5.89
C ASP A 237 9.04 -17.01 6.79
N ILE A 238 9.67 -15.87 7.07
CA ILE A 238 10.89 -15.83 7.88
C ILE A 238 10.51 -16.02 9.34
N SER A 239 11.16 -16.99 10.00
CA SER A 239 10.91 -17.31 11.40
C SER A 239 12.05 -16.75 12.24
N GLY A 240 11.77 -15.70 13.01
CA GLY A 240 12.75 -15.12 13.90
C GLY A 240 13.94 -14.52 13.19
N GLY A 241 13.70 -13.50 12.37
CA GLY A 241 14.75 -12.85 11.61
C GLY A 241 14.88 -11.37 11.95
N ILE A 242 15.78 -10.71 11.22
CA ILE A 242 16.03 -9.29 11.37
C ILE A 242 15.51 -8.59 10.12
N LEU A 243 14.56 -7.68 10.31
CA LEU A 243 13.86 -7.02 9.21
C LEU A 243 14.31 -5.57 9.11
N PHE A 244 14.73 -5.18 7.90
CA PHE A 244 15.10 -3.80 7.60
C PHE A 244 14.18 -3.25 6.52
N VAL A 245 13.96 -1.94 6.56
CA VAL A 245 13.03 -1.28 5.65
C VAL A 245 13.59 0.08 5.25
N GLU A 246 13.35 0.46 3.99
CA GLU A 246 13.70 1.79 3.51
C GLU A 246 12.62 2.25 2.55
N ASP A 247 12.54 3.58 2.36
CA ASP A 247 11.56 4.17 1.47
C ASP A 247 11.95 5.62 1.22
N ILE A 248 11.16 6.31 0.40
CA ILE A 248 11.40 7.70 0.06
C ILE A 248 10.09 8.31 -0.40
N HIS A 249 9.96 9.63 -0.25
CA HIS A 249 8.81 10.41 -0.69
C HIS A 249 7.52 10.02 0.03
N GLU A 250 7.63 9.33 1.16
CA GLU A 250 6.45 8.90 1.90
C GLU A 250 6.14 9.91 3.00
N HIS A 251 5.32 9.52 3.97
CA HIS A 251 4.99 10.32 5.13
C HIS A 251 5.03 9.44 6.37
N PRO A 252 5.48 9.99 7.51
CA PRO A 252 5.52 9.18 8.74
C PRO A 252 4.24 8.45 9.07
N TYR A 253 3.08 8.99 8.71
CA TYR A 253 1.83 8.26 8.92
C TYR A 253 1.63 7.19 7.85
N ARG A 254 2.09 7.43 6.62
CA ARG A 254 2.06 6.40 5.60
C ARG A 254 3.13 5.33 5.87
N VAL A 255 4.24 5.72 6.52
CA VAL A 255 5.23 4.74 6.94
C VAL A 255 4.69 3.90 8.08
N GLU A 256 4.02 4.53 9.05
CA GLU A 256 3.40 3.79 10.15
C GLU A 256 2.27 2.90 9.66
N ARG A 257 1.54 3.34 8.64
CA ARG A 257 0.43 2.54 8.12
C ARG A 257 0.92 1.26 7.48
N LEU A 259 3.77 -0.24 8.07
CA LEU A 259 4.37 -1.08 9.10
C LEU A 259 3.32 -1.79 9.93
N LEU A 260 2.14 -1.18 10.10
CA LEU A 260 1.06 -1.84 10.83
C LEU A 260 0.44 -2.97 10.01
N GLN A 261 0.49 -2.87 8.67
CA GLN A 261 0.00 -3.96 7.84
C GLN A 261 0.80 -5.23 8.06
N LEU A 262 2.13 -5.11 8.12
CA LEU A 262 2.98 -6.26 8.39
C LEU A 262 2.88 -6.72 9.84
N ASP A 263 2.46 -5.83 10.75
CA ASP A 263 2.24 -6.23 12.14
C ASP A 263 0.89 -6.91 12.31
N GLU A 264 -0.15 -6.37 11.67
CA GLU A 264 -1.46 -7.02 11.70
C GLU A 264 -1.42 -8.37 11.00
N SER A 265 -0.60 -8.49 9.95
CA SER A 265 -0.46 -9.77 9.25
C SER A 265 0.31 -10.80 10.07
N GLY A 266 0.89 -10.41 11.20
CA GLY A 266 1.60 -11.33 12.07
C GLY A 266 3.06 -11.55 11.73
N ILE A 267 3.64 -10.72 10.85
CA ILE A 267 5.02 -10.92 10.46
C ILE A 267 5.97 -10.31 11.49
N LEU A 268 5.68 -9.10 11.98
CA LEU A 268 6.57 -8.44 12.92
C LEU A 268 6.65 -9.18 14.25
N LYS A 269 5.58 -9.88 14.64
CA LYS A 269 5.60 -10.62 15.90
C LYS A 269 6.57 -11.80 15.85
N LYS A 270 6.73 -12.41 14.68
CA LYS A 270 7.62 -13.56 14.56
C LYS A 270 9.08 -13.16 14.51
N GLN A 271 9.40 -11.97 14.02
CA GLN A 271 10.78 -11.54 13.90
C GLN A 271 11.36 -11.28 15.28
N LYS A 272 12.69 -11.08 15.32
CA LYS A 272 13.40 -10.85 16.56
C LYS A 272 13.93 -9.44 16.70
N ALA A 273 13.93 -8.65 15.63
CA ALA A 273 14.39 -7.27 15.67
C ALA A 273 13.95 -6.56 14.40
N LEU A 274 13.72 -5.26 14.52
CA LEU A 274 13.34 -4.41 13.40
C LEU A 274 14.34 -3.27 13.28
N VAL A 275 14.86 -3.07 12.07
CA VAL A 275 15.86 -2.04 11.80
C VAL A 275 15.26 -1.02 10.84
N LEU A 276 15.42 0.25 11.15
CA LEU A 276 14.91 1.34 10.32
C LEU A 276 16.05 1.92 9.49
N GLY A 277 15.85 1.99 8.18
CA GLY A 277 16.84 2.47 7.24
C GLY A 277 16.65 3.93 6.88
N HIS A 278 17.07 4.28 5.67
CA HIS A 278 17.00 5.66 5.19
C HIS A 278 15.62 5.94 4.62
N PHE A 279 14.74 6.45 5.48
CA PHE A 279 13.45 6.99 5.07
C PHE A 279 13.68 8.44 4.71
N SER A 280 13.70 8.74 3.40
CA SER A 280 14.20 10.01 2.91
C SER A 280 13.08 10.89 2.34
N GLU A 281 13.27 12.19 2.49
CA GLU A 281 12.46 13.21 1.82
C GLU A 281 10.97 13.09 2.11
N PHE A 282 10.53 13.69 3.21
CA PHE A 282 9.12 13.75 3.55
C PHE A 282 8.59 15.15 3.26
N LYS A 283 7.36 15.42 3.71
CA LYS A 283 6.80 16.76 3.62
C LYS A 283 5.77 16.89 4.74
N LEU A 284 6.06 17.74 5.72
CA LEU A 284 5.18 17.98 6.85
C LEU A 284 4.57 19.37 6.75
N SER A 285 3.50 19.59 7.53
CA SER A 285 2.79 20.84 7.53
C SER A 285 2.35 21.16 8.95
N ASP A 286 1.66 22.30 9.11
CA ASP A 286 1.14 22.67 10.43
C ASP A 286 -0.03 21.80 10.85
N TYR A 287 -0.66 21.08 9.92
CA TYR A 287 -1.76 20.19 10.25
C TYR A 287 -1.28 18.99 11.07
N ASP A 288 -0.01 18.61 10.95
CA ASP A 288 0.50 17.46 11.69
C ASP A 288 0.49 17.71 13.20
N ASN A 289 0.73 18.95 13.62
CA ASN A 289 0.62 19.36 15.01
C ASN A 289 1.54 18.52 15.92
N GLY A 290 2.78 18.34 15.47
CA GLY A 290 3.77 17.62 16.25
C GLY A 290 4.04 16.20 15.78
N TYR A 291 3.19 15.64 14.93
CA TYR A 291 3.41 14.28 14.44
C TYR A 291 4.53 14.28 13.42
N ASP A 292 5.54 13.45 13.65
CA ASP A 292 6.71 13.40 12.79
C ASP A 292 7.30 11.99 12.86
N PHE A 293 8.57 11.86 12.50
CA PHE A 293 9.23 10.56 12.59
C PHE A 293 9.46 10.15 14.04
N ASN A 294 9.70 11.12 14.92
CA ASN A 294 9.88 10.80 16.33
C ASN A 294 8.56 10.44 17.00
N ALA A 295 7.47 11.06 16.57
CA ALA A 295 6.16 10.74 17.13
C ALA A 295 5.74 9.32 16.76
N LEU A 297 7.91 6.83 15.84
CA LEU A 297 8.87 5.91 16.45
C LEU A 297 8.55 5.65 17.91
N SER A 298 8.16 6.69 18.65
CA SER A 298 7.75 6.50 20.03
C SER A 298 6.49 5.67 20.13
N TRP A 299 5.53 5.90 19.22
CA TRP A 299 4.30 5.11 19.22
C TRP A 299 4.55 3.70 18.70
N LEU A 300 5.47 3.54 17.75
CA LEU A 300 5.75 2.21 17.20
C LEU A 300 6.50 1.34 18.20
N ARG A 301 7.44 1.94 18.95
CA ARG A 301 8.16 1.17 19.96
C ARG A 301 7.26 0.77 21.12
N SER A 302 6.09 1.40 21.27
CA SER A 302 5.13 0.99 22.27
C SER A 302 4.19 -0.09 21.76
N ARG A 303 3.85 -0.07 20.47
CA ARG A 303 2.98 -1.08 19.90
C ARG A 303 3.71 -2.38 19.65
N LEU A 304 4.89 -2.32 19.03
CA LEU A 304 5.63 -3.51 18.68
C LEU A 304 6.29 -4.14 19.90
N SER A 305 6.31 -5.47 19.93
CA SER A 305 6.97 -6.21 20.99
C SER A 305 8.45 -6.45 20.72
N ILE A 306 8.88 -6.28 19.48
CA ILE A 306 10.28 -6.48 19.10
C ILE A 306 11.02 -5.15 19.21
N PRO A 307 12.33 -5.15 19.40
CA PRO A 307 13.06 -3.89 19.47
C PRO A 307 13.13 -3.20 18.12
N VAL A 308 13.20 -1.87 18.16
CA VAL A 308 13.26 -1.04 16.95
C VAL A 308 14.55 -0.24 17.02
N VAL A 309 15.46 -0.49 16.09
CA VAL A 309 16.75 0.17 16.02
C VAL A 309 16.81 1.01 14.75
N THR A 310 17.30 2.24 14.88
CA THR A 310 17.38 3.18 13.77
C THR A 310 18.83 3.47 13.41
N GLY A 311 19.01 4.03 12.21
CA GLY A 311 20.32 4.45 11.76
C GLY A 311 20.93 3.63 10.64
N LEU A 312 20.21 2.68 10.08
CA LEU A 312 20.75 1.83 9.01
C LEU A 312 21.09 2.68 7.79
N PRO A 313 22.35 2.68 7.33
CA PRO A 313 22.74 3.49 6.17
C PRO A 313 22.40 2.80 4.86
N PHE A 314 21.11 2.62 4.61
CA PHE A 314 20.64 2.02 3.38
C PHE A 314 19.28 2.61 3.01
N GLY A 315 19.14 3.04 1.77
CA GLY A 315 17.89 3.61 1.31
C GLY A 315 18.08 4.25 -0.06
N HIS A 316 17.14 5.14 -0.39
CA HIS A 316 17.22 5.87 -1.66
C HIS A 316 18.13 7.08 -1.51
N THR A 317 19.36 6.85 -1.02
CA THR A 317 20.32 7.90 -0.77
C THR A 317 21.59 7.67 -1.58
N LYS A 318 22.46 8.68 -1.59
CA LYS A 318 23.73 8.55 -2.29
C LYS A 318 24.63 7.51 -1.62
N ASP A 319 24.67 7.49 -0.30
CA ASP A 319 25.48 6.55 0.45
C ASP A 319 24.60 5.37 0.88
N LYS A 320 24.96 4.17 0.44
CA LYS A 320 24.21 2.97 0.79
C LYS A 320 25.16 1.79 0.83
N VAL A 321 24.76 0.76 1.57
CA VAL A 321 25.54 -0.46 1.70
C VAL A 321 24.80 -1.61 1.04
N THR A 322 25.55 -2.63 0.65
CA THR A 322 24.99 -3.82 0.02
C THR A 322 24.59 -4.80 1.12
N LEU A 323 23.27 -5.03 1.26
CA LEU A 323 22.76 -5.88 2.33
C LEU A 323 22.39 -7.24 1.76
N PRO A 324 23.06 -8.32 2.16
CA PRO A 324 22.65 -9.66 1.69
C PRO A 324 21.31 -10.08 2.26
N VAL A 325 20.31 -10.23 1.40
CA VAL A 325 18.96 -10.64 1.82
C VAL A 325 18.94 -12.16 1.80
N GLY A 326 19.04 -12.78 2.98
CA GLY A 326 18.98 -14.22 3.07
C GLY A 326 20.10 -14.83 3.90
N GLY A 327 21.04 -14.00 4.34
CA GLY A 327 22.15 -14.47 5.14
C GLY A 327 21.85 -14.46 6.62
N ARG A 328 22.85 -14.88 7.39
CA ARG A 328 22.76 -14.92 8.85
C ARG A 328 23.40 -13.64 9.40
N ALA A 329 22.56 -12.75 9.94
CA ALA A 329 23.01 -11.46 10.42
C ALA A 329 23.25 -11.48 11.92
N HIS A 330 23.83 -10.39 12.42
CA HIS A 330 24.13 -10.26 13.85
C HIS A 330 23.95 -8.80 14.22
N LEU A 331 22.79 -8.45 14.76
CA LEU A 331 22.47 -7.08 15.14
C LEU A 331 22.89 -6.84 16.58
N SER A 333 23.33 -3.57 19.53
CA SER A 333 23.22 -2.19 20.01
C SER A 333 23.82 -2.14 21.41
N LYS A 334 24.96 -1.46 21.53
CA LYS A 334 25.69 -1.45 22.80
C LYS A 334 25.43 -0.16 23.56
N ALA A 335 26.07 0.93 23.16
CA ALA A 335 25.89 2.23 23.78
C ALA A 335 25.94 3.31 22.70
N GLY A 336 25.01 3.23 21.75
CA GLY A 336 25.00 4.11 20.61
C GLY A 336 25.80 3.62 19.42
N LYS A 337 26.63 2.60 19.61
CA LYS A 337 27.44 2.02 18.53
C LYS A 337 26.77 0.74 18.06
N ILE A 338 26.19 0.78 16.87
CA ILE A 338 25.51 -0.36 16.29
C ILE A 338 26.49 -1.11 15.39
N GLN A 339 26.26 -2.41 15.22
CA GLN A 339 27.11 -3.23 14.37
C GLN A 339 26.29 -4.38 13.82
N LEU A 340 26.31 -4.55 12.50
CA LEU A 340 25.55 -5.59 11.81
C LEU A 340 26.52 -6.46 11.02
N ASP A 341 26.76 -7.68 11.49
CA ASP A 341 27.65 -8.62 10.83
C ASP A 341 26.80 -9.69 10.14
N ILE A 342 26.95 -9.81 8.82
CA ILE A 342 26.20 -10.76 8.02
C ILE A 342 27.16 -11.80 7.48
N GLY A 343 26.75 -13.08 7.55
CA GLY A 343 27.57 -14.16 7.07
C GLY A 343 26.76 -15.16 6.27
N ASP A 344 27.48 -16.08 5.62
CA ASP A 344 26.89 -17.14 4.80
C ASP A 344 26.00 -16.56 3.71
N TYR A 345 26.60 -16.11 2.62
CA TYR A 345 25.88 -15.57 1.48
C TYR A 345 26.75 -15.73 0.25
N PRO A 346 26.15 -15.92 -0.93
CA PRO A 346 26.93 -16.09 -2.17
C PRO A 346 27.27 -14.77 -2.83
N THR B 54 -33.81 10.80 11.28
CA THR B 54 -33.48 10.07 12.50
C THR B 54 -32.28 10.70 13.21
N GLY B 55 -31.85 10.06 14.29
CA GLY B 55 -30.70 10.56 15.03
C GLY B 55 -29.39 10.13 14.39
N ILE B 56 -28.40 11.02 14.51
CA ILE B 56 -27.08 10.79 13.93
C ILE B 56 -26.00 11.14 14.94
N ALA B 57 -24.86 10.47 14.84
CA ALA B 57 -23.73 10.69 15.71
C ALA B 57 -22.50 11.00 14.86
N ILE B 58 -21.75 12.02 15.27
CA ILE B 58 -20.53 12.43 14.56
C ILE B 58 -19.33 11.96 15.37
N ILE B 59 -18.46 11.19 14.71
CA ILE B 59 -17.27 10.63 15.35
C ILE B 59 -16.06 10.99 14.49
N ALA B 60 -14.92 11.18 15.15
CA ALA B 60 -13.65 11.49 14.49
C ALA B 60 -12.71 10.30 14.63
N PRO B 61 -12.76 9.32 13.72
CA PRO B 61 -11.86 8.17 13.83
C PRO B 61 -10.45 8.45 13.36
N GLY B 62 -10.23 9.49 12.57
CA GLY B 62 -8.90 9.83 12.09
C GLY B 62 -8.44 11.22 12.50
N GLY B 63 -8.41 12.14 11.54
CA GLY B 63 -7.96 13.49 11.79
C GLY B 63 -9.03 14.38 12.38
N TYR B 64 -8.65 15.63 12.61
CA TYR B 64 -9.53 16.63 13.19
C TYR B 64 -10.02 17.59 12.12
N VAL B 65 -11.09 18.32 12.47
CA VAL B 65 -11.70 19.30 11.58
C VAL B 65 -11.87 20.60 12.37
N PRO B 66 -11.61 21.77 11.77
CA PRO B 66 -11.82 23.02 12.49
C PRO B 66 -13.25 23.16 12.96
N ASP B 67 -13.41 23.69 14.18
CA ASP B 67 -14.74 23.77 14.79
C ASP B 67 -15.68 24.65 13.97
N SER B 68 -15.14 25.59 13.21
CA SER B 68 -15.99 26.43 12.37
C SER B 68 -16.67 25.62 11.27
N ASP B 69 -15.94 24.70 10.65
CA ASP B 69 -16.52 23.90 9.59
C ASP B 69 -17.52 22.88 10.14
N LEU B 70 -17.22 22.30 11.31
CA LEU B 70 -18.11 21.30 11.89
C LEU B 70 -19.46 21.91 12.25
N GLN B 71 -19.46 23.09 12.84
CA GLN B 71 -20.71 23.74 13.22
C GLN B 71 -21.57 24.06 12.01
N ARG B 72 -20.95 24.37 10.88
CA ARG B 72 -21.70 24.58 9.65
C ARG B 72 -22.23 23.26 9.10
N ALA B 73 -21.47 22.19 9.27
CA ALA B 73 -21.93 20.88 8.81
C ALA B 73 -23.10 20.38 9.63
N ILE B 74 -23.11 20.68 10.93
CA ILE B 74 -24.23 20.28 11.77
C ILE B 74 -25.50 21.02 11.37
N GLY B 75 -25.36 22.29 10.99
CA GLY B 75 -26.51 23.04 10.53
C GLY B 75 -27.13 22.48 9.27
N VAL B 76 -26.32 21.90 8.39
CA VAL B 76 -26.84 21.25 7.20
C VAL B 76 -27.65 20.01 7.57
N LEU B 77 -27.10 19.18 8.46
CA LEU B 77 -27.85 18.03 8.96
C LEU B 77 -29.11 18.45 9.69
N LYS B 78 -29.09 19.63 10.32
CA LYS B 78 -30.29 20.17 10.94
C LYS B 78 -31.30 20.61 9.88
N SER B 79 -30.84 21.33 8.86
CA SER B 79 -31.74 21.82 7.82
C SER B 79 -32.39 20.69 7.06
N ARG B 80 -31.70 19.55 6.91
CA ARG B 80 -32.28 18.40 6.26
C ARG B 80 -33.14 17.55 7.20
N GLY B 81 -33.28 17.96 8.45
CA GLY B 81 -34.19 17.30 9.38
C GLY B 81 -33.63 16.09 10.07
N TYR B 82 -32.58 16.27 10.88
CA TYR B 82 -31.99 15.16 11.61
C TYR B 82 -31.50 15.65 12.97
N GLU B 83 -31.54 14.76 13.95
CA GLU B 83 -31.10 15.06 15.30
C GLU B 83 -29.62 14.69 15.43
N VAL B 84 -28.78 15.70 15.69
CA VAL B 84 -27.33 15.55 15.68
C VAL B 84 -26.84 15.29 17.10
N PHE B 85 -25.93 14.33 17.24
CA PHE B 85 -25.27 14.02 18.50
C PHE B 85 -23.77 14.11 18.25
N ASN B 86 -23.15 15.21 18.66
CA ASN B 86 -21.74 15.46 18.39
C ASN B 86 -20.90 14.90 19.54
N TYR B 87 -20.18 13.80 19.27
CA TYR B 87 -19.25 13.22 20.22
C TYR B 87 -17.83 13.75 20.07
N VAL B 88 -17.56 14.55 19.03
CA VAL B 88 -16.22 15.08 18.80
C VAL B 88 -15.91 16.15 19.84
N ASP B 89 -14.72 16.08 20.42
CA ASP B 89 -14.31 17.03 21.44
C ASP B 89 -13.46 18.14 20.82
N LYS B 92 -7.93 16.97 24.76
CA LYS B 92 -8.25 15.71 24.10
C LYS B 92 -7.56 15.59 22.75
N ARG B 93 -7.56 16.70 22.01
CA ARG B 93 -6.95 16.73 20.68
C ARG B 93 -5.48 16.32 20.77
N HIS B 94 -5.10 15.30 20.00
CA HIS B 94 -3.80 14.64 20.14
C HIS B 94 -3.08 14.63 18.80
N GLU B 95 -2.15 15.58 18.63
CA GLU B 95 -1.22 15.62 17.50
C GLU B 95 -2.02 15.71 16.20
N ARG B 96 -1.78 14.84 15.23
CA ARG B 96 -2.47 14.87 13.94
C ARG B 96 -3.94 14.45 14.07
N PHE B 97 -4.27 13.68 15.09
CA PHE B 97 -5.60 13.13 15.26
C PHE B 97 -6.44 14.02 16.18
N ALA B 98 -7.76 13.82 16.12
CA ALA B 98 -8.67 14.59 16.95
C ALA B 98 -8.63 14.17 18.42
N ALA B 99 -8.04 13.02 18.72
CA ALA B 99 -7.89 12.55 20.10
C ALA B 99 -6.92 11.38 20.09
N ASN B 100 -6.53 10.94 21.28
CA ASN B 100 -5.66 9.80 21.40
C ASN B 100 -6.40 8.52 20.99
N ASP B 101 -5.63 7.45 20.76
CA ASP B 101 -6.22 6.20 20.29
C ASP B 101 -7.27 5.68 21.26
N GLU B 102 -7.01 5.78 22.56
CA GLU B 102 -7.96 5.30 23.54
C GLU B 102 -9.19 6.20 23.63
N GLU B 103 -9.01 7.50 23.43
CA GLU B 103 -10.15 8.41 23.47
C GLU B 103 -11.00 8.29 22.21
N ARG B 104 -10.35 8.21 21.05
CA ARG B 104 -11.10 7.99 19.81
C ARG B 104 -11.84 6.66 19.84
N SER B 105 -11.26 5.64 20.48
CA SER B 105 -11.93 4.35 20.57
C SER B 105 -13.14 4.43 21.50
N ARG B 106 -13.00 5.12 22.63
CA ARG B 106 -14.12 5.25 23.57
C ARG B 106 -15.28 6.02 22.96
N GLN B 107 -15.00 7.01 22.11
CA GLN B 107 -16.06 7.78 21.49
C GLN B 107 -16.86 6.96 20.48
N ILE B 108 -16.29 5.87 19.96
CA ILE B 108 -17.03 5.02 19.04
C ILE B 108 -17.91 4.04 19.82
N GLU B 110 -19.17 4.64 22.72
CA GLU B 110 -20.19 5.39 23.43
C GLU B 110 -21.34 5.77 22.50
N ALA B 111 -21.03 6.18 21.27
CA ALA B 111 -22.09 6.55 20.33
C ALA B 111 -22.89 5.34 19.89
N ALA B 112 -22.26 4.16 19.83
CA ALA B 112 -22.96 2.95 19.44
C ALA B 112 -23.89 2.43 20.53
N THR B 113 -23.88 3.04 21.72
CA THR B 113 -24.74 2.64 22.83
C THR B 113 -25.85 3.63 23.11
N ASN B 114 -25.94 4.71 22.36
CA ASN B 114 -26.98 5.71 22.59
C ASN B 114 -28.26 5.29 21.89
N PRO B 115 -29.37 5.12 22.59
CA PRO B 115 -30.61 4.67 21.93
C PRO B 115 -31.18 5.67 20.96
N ASP B 116 -30.85 6.95 21.08
CA ASP B 116 -31.37 7.98 20.19
C ASP B 116 -30.54 8.14 18.92
N VAL B 117 -29.50 7.34 18.75
CA VAL B 117 -28.62 7.42 17.58
C VAL B 117 -28.93 6.25 16.66
N LYS B 118 -29.05 6.53 15.37
CA LYS B 118 -29.29 5.50 14.36
C LYS B 118 -28.21 5.45 13.30
N ILE B 119 -27.67 6.60 12.90
CA ILE B 119 -26.60 6.68 11.91
C ILE B 119 -25.35 7.21 12.58
N VAL B 120 -24.20 6.67 12.21
CA VAL B 120 -22.91 7.09 12.74
C VAL B 120 -22.02 7.49 11.57
N ILE B 121 -21.64 8.76 11.52
CA ILE B 121 -20.86 9.32 10.42
C ILE B 121 -19.47 9.66 10.92
N ALA B 122 -18.47 9.43 10.08
CA ALA B 122 -17.09 9.74 10.43
C ALA B 122 -16.76 11.18 10.06
N LEU B 123 -15.82 11.76 10.81
CA LEU B 123 -15.41 13.14 10.55
C LEU B 123 -14.51 13.23 9.32
N ARG B 124 -13.29 12.72 9.43
CA ARG B 124 -12.34 12.70 8.34
C ARG B 124 -11.92 11.27 8.02
N GLY B 125 -11.17 11.14 6.93
CA GLY B 125 -10.63 9.86 6.52
C GLY B 125 -9.18 9.96 6.07
N GLY B 126 -8.37 10.68 6.84
CA GLY B 126 -6.98 10.85 6.51
C GLY B 126 -6.04 10.27 7.55
N TYR B 127 -6.43 9.14 8.13
CA TYR B 127 -5.63 8.42 9.12
C TYR B 127 -5.31 9.30 10.33
N THR B 129 -8.02 5.07 12.40
CA THR B 129 -8.86 3.88 12.37
C THR B 129 -8.03 2.62 12.57
N THR B 130 -6.94 2.51 11.81
CA THR B 130 -6.05 1.35 11.96
C THR B 130 -5.38 1.32 13.33
N ARG B 131 -5.07 2.50 13.89
CA ARG B 131 -4.39 2.57 15.18
C ARG B 131 -5.22 2.02 16.33
N LEU B 132 -6.49 1.70 16.12
CA LEU B 132 -7.35 1.29 17.22
C LEU B 132 -8.27 0.14 16.86
N LEU B 133 -7.86 -0.71 15.91
CA LEU B 133 -8.68 -1.86 15.56
C LEU B 133 -8.82 -2.83 16.72
N HIS B 134 -7.78 -2.94 17.56
CA HIS B 134 -7.84 -3.83 18.72
C HIS B 134 -8.52 -3.18 19.91
N ASP B 135 -8.59 -1.85 19.96
CA ASP B 135 -9.28 -1.18 21.06
C ASP B 135 -10.80 -1.30 20.93
N LEU B 136 -11.30 -1.46 19.71
CA LEU B 136 -12.73 -1.56 19.47
C LEU B 136 -13.20 -2.99 19.63
N ASP B 137 -14.52 -3.14 19.80
CA ASP B 137 -15.17 -4.44 19.90
C ASP B 137 -16.18 -4.53 18.75
N PHE B 138 -15.74 -5.06 17.62
CA PHE B 138 -16.60 -5.13 16.44
C PHE B 138 -17.73 -6.13 16.61
N ALA B 139 -17.59 -7.11 17.51
CA ALA B 139 -18.71 -7.95 17.87
C ALA B 139 -19.78 -7.15 18.61
N LYS B 140 -19.36 -6.19 19.43
CA LYS B 140 -20.30 -5.28 20.06
C LYS B 140 -20.88 -4.29 19.05
N LEU B 141 -20.09 -3.87 18.08
CA LEU B 141 -20.57 -2.91 17.08
C LEU B 141 -21.56 -3.56 16.12
N ALA B 142 -21.32 -4.82 15.75
CA ALA B 142 -22.24 -5.51 14.84
C ALA B 142 -23.61 -5.70 15.48
N LYS B 143 -23.65 -5.85 16.80
CA LYS B 143 -24.92 -5.97 17.53
C LYS B 143 -25.52 -4.63 17.90
N SER B 144 -24.78 -3.53 17.72
CA SER B 144 -25.29 -2.22 18.11
C SER B 144 -26.45 -1.78 17.23
N GLY B 145 -26.50 -2.26 15.99
CA GLY B 145 -27.55 -1.86 15.07
C GLY B 145 -27.39 -0.48 14.47
N LYS B 146 -26.22 0.12 14.58
CA LYS B 146 -26.00 1.45 14.03
C LYS B 146 -25.64 1.36 12.56
N LEU B 147 -25.92 2.45 11.83
CA LEU B 147 -25.65 2.54 10.40
C LEU B 147 -24.42 3.41 10.21
N PHE B 148 -23.26 2.77 10.11
CA PHE B 148 -22.00 3.48 9.97
C PHE B 148 -21.79 3.89 8.52
N VAL B 149 -21.43 5.16 8.29
CA VAL B 149 -21.15 5.67 6.96
C VAL B 149 -19.78 6.32 6.97
N GLY B 150 -19.16 6.38 5.80
CA GLY B 150 -17.85 6.96 5.65
C GLY B 150 -17.12 6.36 4.47
N HIS B 151 -15.93 6.90 4.23
CA HIS B 151 -15.08 6.45 3.13
C HIS B 151 -13.64 6.82 3.46
N SER B 152 -12.75 6.69 2.47
CA SER B 152 -11.32 7.00 2.59
C SER B 152 -10.74 6.08 3.66
N ASP B 153 -10.11 6.60 4.72
CA ASP B 153 -9.53 5.76 5.76
C ASP B 153 -10.59 4.97 6.51
N PHE B 154 -11.85 5.41 6.47
CA PHE B 154 -12.92 4.71 7.16
C PHE B 154 -13.26 3.37 6.51
N THR B 155 -12.69 3.07 5.33
CA THR B 155 -12.85 1.75 4.75
C THR B 155 -12.28 0.67 5.65
N VAL B 156 -11.21 1.00 6.38
CA VAL B 156 -10.63 0.06 7.34
C VAL B 156 -11.67 -0.30 8.40
N PHE B 157 -12.42 0.68 8.88
CA PHE B 157 -13.45 0.43 9.88
C PHE B 157 -14.57 -0.44 9.32
N GLU B 158 -14.89 -0.28 8.04
CA GLU B 158 -16.02 -0.98 7.46
C GLU B 158 -15.69 -2.42 7.06
N ALA B 160 -13.68 -4.47 8.94
CA ALA B 160 -13.76 -5.24 10.18
C ALA B 160 -15.22 -5.46 10.60
N LEU B 161 -16.09 -4.49 10.34
CA LEU B 161 -17.51 -4.70 10.56
C LEU B 161 -18.05 -5.81 9.65
N LEU B 162 -17.65 -5.80 8.38
CA LEU B 162 -18.06 -6.85 7.47
C LEU B 162 -17.41 -8.18 7.82
N LYS B 163 -16.24 -8.15 8.44
CA LYS B 163 -15.61 -9.39 8.91
C LYS B 163 -16.45 -10.04 10.01
N HIS B 164 -17.20 -9.25 10.77
CA HIS B 164 -18.08 -9.76 11.80
C HIS B 164 -19.53 -9.85 11.35
N GLY B 165 -19.83 -9.47 10.11
CA GLY B 165 -21.17 -9.62 9.58
C GLY B 165 -22.05 -8.41 9.80
N ALA B 166 -21.48 -7.21 9.68
CA ALA B 166 -22.21 -5.97 9.85
C ALA B 166 -22.19 -5.19 8.55
N VAL B 167 -23.36 -4.71 8.13
CA VAL B 167 -23.51 -3.97 6.89
C VAL B 167 -23.23 -2.49 7.17
N SER B 168 -22.25 -1.93 6.48
CA SER B 168 -21.92 -0.51 6.57
C SER B 168 -22.23 0.15 5.23
N PHE B 169 -22.05 1.47 5.19
CA PHE B 169 -22.36 2.26 4.00
C PHE B 169 -21.14 3.08 3.61
N SER B 170 -20.66 2.87 2.39
CA SER B 170 -19.55 3.64 1.85
C SER B 170 -20.12 4.88 1.19
N GLY B 171 -20.12 6.00 1.90
CA GLY B 171 -20.73 7.22 1.41
C GLY B 171 -19.99 8.47 1.85
N PRO B 172 -20.76 9.51 2.16
CA PRO B 172 -20.15 10.81 2.48
C PRO B 172 -19.67 10.87 3.93
N ILE B 174 -18.30 14.07 7.10
CA ILE B 174 -18.41 15.47 7.48
C ILE B 174 -17.31 16.29 6.81
N GLN B 175 -16.19 15.66 6.46
CA GLN B 175 -14.99 16.34 5.96
C GLN B 175 -15.28 17.33 4.84
N SER B 176 -15.69 16.84 3.67
CA SER B 176 -15.90 17.71 2.52
C SER B 176 -17.27 17.52 1.87
N ASP B 177 -18.21 16.87 2.53
CA ASP B 177 -19.55 16.67 2.00
C ASP B 177 -20.61 17.49 2.69
N PHE B 178 -20.41 17.86 3.95
CA PHE B 178 -21.32 18.74 4.67
C PHE B 178 -20.70 20.06 5.08
N THR B 179 -19.37 20.18 5.11
CA THR B 179 -18.71 21.42 5.44
C THR B 179 -18.52 22.34 4.25
N ARG B 180 -18.55 21.81 3.04
CA ARG B 180 -18.31 22.64 1.85
C ARG B 180 -19.50 23.56 1.59
N GLY B 181 -19.18 24.76 1.07
CA GLY B 181 -20.22 25.69 0.66
C GLY B 181 -20.87 25.33 -0.67
N ASP B 182 -20.17 24.60 -1.52
CA ASP B 182 -20.71 24.14 -2.80
C ASP B 182 -21.34 22.75 -2.63
N LEU B 183 -22.38 22.71 -1.80
CA LEU B 183 -23.01 21.44 -1.46
C LEU B 183 -23.56 20.75 -2.69
N SER B 184 -23.47 19.42 -2.70
CA SER B 184 -23.89 18.60 -3.83
C SER B 184 -25.26 18.00 -3.52
N ALA B 185 -26.25 18.33 -4.34
CA ALA B 185 -27.56 17.72 -4.20
C ALA B 185 -27.53 16.24 -4.57
N PHE B 186 -26.66 15.86 -5.51
CA PHE B 186 -26.54 14.46 -5.89
C PHE B 186 -26.05 13.61 -4.73
N THR B 187 -25.07 14.12 -3.97
CA THR B 187 -24.52 13.34 -2.87
C THR B 187 -25.49 13.28 -1.70
N LEU B 188 -26.08 14.41 -1.33
CA LEU B 188 -26.93 14.45 -0.14
C LEU B 188 -28.26 13.74 -0.36
N ASN B 189 -28.80 13.79 -1.58
CA ASN B 189 -30.06 13.11 -1.85
C ASN B 189 -29.87 11.60 -1.95
N HIS B 190 -28.76 11.16 -2.55
CA HIS B 190 -28.47 9.73 -2.59
C HIS B 190 -28.17 9.18 -1.20
N PHE B 191 -27.62 10.02 -0.32
CA PHE B 191 -27.34 9.57 1.05
C PHE B 191 -28.63 9.41 1.84
N ASP B 192 -29.50 10.43 1.81
CA ASP B 192 -30.76 10.34 2.54
C ASP B 192 -31.66 9.25 1.99
N GLU B 193 -31.55 8.94 0.69
CA GLU B 193 -32.39 7.91 0.10
C GLU B 193 -31.99 6.52 0.58
N THR B 194 -30.68 6.24 0.62
CA THR B 194 -30.23 4.92 1.05
C THR B 194 -30.56 4.66 2.52
N THR B 196 -33.24 5.76 4.05
CA THR B 196 -34.69 5.67 4.21
C THR B 196 -35.37 4.75 3.20
N SER B 197 -34.64 4.23 2.22
CA SER B 197 -35.25 3.33 1.25
C SER B 197 -34.59 1.97 1.30
N PRO B 198 -35.37 0.88 1.18
CA PRO B 198 -34.77 -0.46 1.26
C PRO B 198 -33.96 -0.84 0.04
N GLU B 199 -34.11 -0.14 -1.08
CA GLU B 199 -33.42 -0.47 -2.31
C GLU B 199 -32.83 0.79 -2.94
N THR B 200 -31.64 0.64 -3.53
CA THR B 200 -30.97 1.74 -4.22
C THR B 200 -30.44 1.23 -5.55
N SER B 201 -30.71 1.98 -6.61
CA SER B 201 -30.27 1.64 -7.96
C SER B 201 -29.37 2.76 -8.49
N VAL B 202 -28.22 2.39 -9.02
CA VAL B 202 -27.24 3.33 -9.54
C VAL B 202 -27.05 3.03 -11.02
N LYS B 203 -27.29 4.04 -11.87
CA LYS B 203 -27.14 3.92 -13.31
C LYS B 203 -26.15 4.97 -13.80
N TRP B 204 -25.23 4.55 -14.66
CA TRP B 204 -24.24 5.47 -15.21
C TRP B 204 -23.89 5.04 -16.63
N VAL B 205 -23.16 5.90 -17.32
CA VAL B 205 -22.75 5.67 -18.70
C VAL B 205 -21.23 5.49 -18.72
N SER B 206 -20.78 4.36 -19.23
CA SER B 206 -19.35 4.08 -19.35
C SER B 206 -19.13 3.16 -20.53
N LYS B 207 -18.21 3.54 -21.41
CA LYS B 207 -17.99 2.83 -22.66
C LYS B 207 -16.97 1.71 -22.49
N ASP B 208 -16.93 0.83 -23.49
CA ASP B 208 -15.94 -0.25 -23.58
C ASP B 208 -16.00 -1.20 -22.38
N ASN B 209 -17.18 -1.35 -21.79
CA ASN B 209 -17.29 -2.29 -20.68
C ASN B 209 -17.97 -3.57 -21.13
N PRO B 210 -17.56 -4.72 -20.59
CA PRO B 210 -18.19 -5.99 -20.97
C PRO B 210 -19.62 -6.08 -20.49
N ASP B 211 -20.39 -6.93 -21.16
CA ASP B 211 -21.79 -7.16 -20.82
C ASP B 211 -21.85 -8.24 -19.74
N VAL B 212 -22.10 -7.82 -18.51
CA VAL B 212 -22.14 -8.73 -17.37
C VAL B 212 -23.57 -8.75 -16.82
N ASP B 213 -23.84 -9.75 -15.98
CA ASP B 213 -25.12 -9.88 -15.31
C ASP B 213 -24.97 -10.73 -14.06
N VAL B 214 -24.18 -10.25 -13.11
CA VAL B 214 -23.86 -11.00 -11.91
C VAL B 214 -24.67 -10.46 -10.74
N GLU B 215 -24.63 -11.18 -9.61
CA GLU B 215 -25.34 -10.80 -8.41
C GLU B 215 -24.63 -11.39 -7.21
N GLY B 216 -24.15 -10.54 -6.31
CA GLY B 216 -23.44 -11.01 -5.15
C GLY B 216 -23.38 -9.94 -4.07
N THR B 217 -22.56 -10.22 -3.05
CA THR B 217 -22.42 -9.32 -1.92
C THR B 217 -21.52 -8.14 -2.32
N LEU B 218 -22.06 -6.93 -2.19
CA LEU B 218 -21.30 -5.73 -2.52
C LEU B 218 -20.39 -5.34 -1.36
N TRP B 219 -19.12 -5.07 -1.66
CA TRP B 219 -18.16 -4.69 -0.65
C TRP B 219 -16.96 -4.04 -1.31
N GLY B 220 -16.17 -3.34 -0.51
CA GLY B 220 -14.98 -2.65 -0.96
C GLY B 220 -14.93 -1.24 -0.43
N GLY B 221 -14.21 -0.39 -1.14
CA GLY B 221 -14.07 1.00 -0.74
C GLY B 221 -12.82 1.66 -1.30
N ASN B 222 -11.95 2.14 -0.41
CA ASN B 222 -10.71 2.78 -0.83
C ASN B 222 -9.67 1.74 -1.21
N LEU B 223 -9.02 1.93 -2.35
CA LEU B 223 -8.07 0.93 -2.84
C LEU B 223 -6.85 0.84 -1.94
N THR B 224 -6.38 1.97 -1.40
CA THR B 224 -5.21 1.95 -0.53
C THR B 224 -5.51 1.23 0.78
N LEU B 226 -7.85 -1.09 1.18
CA LEU B 226 -8.11 -2.49 0.89
C LEU B 226 -6.81 -3.26 0.69
N ALA B 227 -5.87 -2.69 -0.08
CA ALA B 227 -4.56 -3.32 -0.21
C ALA B 227 -3.82 -3.34 1.12
N HIS B 228 -4.10 -2.36 1.99
CA HIS B 228 -3.59 -2.38 3.35
C HIS B 228 -4.16 -3.54 4.16
N ALA B 230 -4.64 -6.52 3.01
CA ALA B 230 -4.13 -7.77 2.48
C ALA B 230 -3.22 -8.45 3.49
N GLY B 231 -3.55 -9.70 3.84
CA GLY B 231 -2.78 -10.45 4.81
C GLY B 231 -3.23 -10.29 6.25
N THR B 232 -4.05 -9.29 6.54
CA THR B 232 -4.51 -9.05 7.90
C THR B 232 -5.80 -9.81 8.18
N PRO B 233 -6.02 -10.21 9.43
CA PRO B 233 -7.28 -10.91 9.78
C PRO B 233 -8.51 -10.03 9.65
N TRP B 234 -8.35 -8.73 9.40
CA TRP B 234 -9.50 -7.84 9.27
C TRP B 234 -10.09 -7.85 7.87
N PRO B 236 -12.31 -9.08 5.01
CA PRO B 236 -13.48 -9.95 4.91
C PRO B 236 -13.25 -11.07 3.91
N ASP B 237 -13.92 -12.19 4.15
CA ASP B 237 -13.79 -13.38 3.32
C ASP B 237 -15.06 -13.56 2.48
N ILE B 238 -15.27 -12.59 1.60
CA ILE B 238 -16.41 -12.58 0.70
C ILE B 238 -16.12 -13.49 -0.49
N SER B 239 -16.98 -14.47 -0.69
CA SER B 239 -16.84 -15.43 -1.78
C SER B 239 -17.94 -15.16 -2.80
N GLY B 240 -17.53 -14.81 -4.02
CA GLY B 240 -18.50 -14.56 -5.08
C GLY B 240 -19.25 -13.25 -4.94
N GLY B 241 -18.57 -12.19 -4.50
CA GLY B 241 -19.20 -10.90 -4.34
C GLY B 241 -18.81 -9.93 -5.46
N ILE B 242 -19.34 -8.72 -5.35
CA ILE B 242 -19.06 -7.65 -6.29
C ILE B 242 -18.21 -6.62 -5.57
N LEU B 243 -16.95 -6.51 -5.97
CA LEU B 243 -15.98 -5.66 -5.30
C LEU B 243 -15.83 -4.34 -6.05
N PHE B 244 -15.86 -3.23 -5.31
CA PHE B 244 -15.68 -1.91 -5.87
C PHE B 244 -14.53 -1.20 -5.16
N VAL B 245 -13.77 -0.40 -5.92
CA VAL B 245 -12.60 0.30 -5.40
C VAL B 245 -12.58 1.72 -5.95
N GLU B 246 -11.84 2.59 -5.25
CA GLU B 246 -11.63 3.97 -5.67
C GLU B 246 -10.42 4.51 -4.93
N ASP B 247 -9.86 5.60 -5.45
CA ASP B 247 -8.67 6.21 -4.86
C ASP B 247 -8.47 7.58 -5.48
N ILE B 248 -7.54 8.34 -4.89
CA ILE B 248 -7.13 9.65 -5.39
C ILE B 248 -5.63 9.80 -5.18
N HIS B 249 -5.05 10.77 -5.90
CA HIS B 249 -3.63 11.08 -5.87
C HIS B 249 -2.77 9.88 -6.28
N GLU B 250 -3.32 8.95 -7.06
CA GLU B 250 -2.62 7.72 -7.41
C GLU B 250 -2.38 7.67 -8.91
N HIS B 251 -1.12 7.54 -9.30
CA HIS B 251 -0.79 7.25 -10.68
C HIS B 251 -1.32 5.86 -11.04
N PRO B 252 -1.78 5.67 -12.28
CA PRO B 252 -2.35 4.37 -12.67
C PRO B 252 -1.45 3.16 -12.41
N TYR B 253 -0.14 3.36 -12.35
CA TYR B 253 0.73 2.25 -11.98
C TYR B 253 0.62 1.92 -10.50
N ARG B 254 0.35 2.93 -9.67
CA ARG B 254 0.06 2.66 -8.27
C ARG B 254 -1.30 1.98 -8.11
N VAL B 255 -2.22 2.23 -9.02
CA VAL B 255 -3.52 1.55 -8.99
C VAL B 255 -3.35 0.09 -9.40
N GLU B 256 -2.60 -0.16 -10.48
CA GLU B 256 -2.35 -1.53 -10.91
C GLU B 256 -1.55 -2.31 -9.88
N ARG B 257 -0.67 -1.63 -9.15
CA ARG B 257 0.14 -2.31 -8.14
C ARG B 257 -0.73 -2.85 -7.02
N LEU B 259 -3.89 -3.32 -7.09
CA LEU B 259 -4.79 -4.32 -7.65
C LEU B 259 -4.09 -5.67 -7.83
N LEU B 260 -2.78 -5.65 -8.08
CA LEU B 260 -2.03 -6.90 -8.16
C LEU B 260 -1.88 -7.56 -6.80
N GLN B 261 -1.78 -6.76 -5.74
CA GLN B 261 -1.73 -7.33 -4.39
C GLN B 261 -3.03 -8.05 -4.05
N LEU B 262 -4.17 -7.43 -4.41
CA LEU B 262 -5.45 -8.10 -4.23
C LEU B 262 -5.62 -9.30 -5.16
N ASP B 263 -4.88 -9.35 -6.26
CA ASP B 263 -4.96 -10.50 -7.15
C ASP B 263 -4.01 -11.61 -6.71
N GLU B 264 -2.79 -11.25 -6.33
CA GLU B 264 -1.83 -12.26 -5.85
C GLU B 264 -2.27 -12.86 -4.52
N SER B 265 -2.91 -12.07 -3.65
CA SER B 265 -3.44 -12.59 -2.40
C SER B 265 -4.64 -13.51 -2.60
N GLY B 266 -5.19 -13.56 -3.81
CA GLY B 266 -6.30 -14.43 -4.11
C GLY B 266 -7.67 -13.83 -3.88
N ILE B 267 -7.77 -12.52 -3.67
CA ILE B 267 -9.06 -11.90 -3.38
C ILE B 267 -9.88 -11.73 -4.65
N LEU B 268 -9.25 -11.30 -5.74
CA LEU B 268 -9.99 -11.01 -6.97
C LEU B 268 -10.47 -12.28 -7.67
N LYS B 269 -9.80 -13.41 -7.44
CA LYS B 269 -10.17 -14.63 -8.13
C LYS B 269 -11.53 -15.17 -7.68
N LYS B 270 -11.94 -14.86 -6.46
CA LYS B 270 -13.18 -15.39 -5.90
C LYS B 270 -14.40 -14.53 -6.23
N GLN B 271 -14.21 -13.24 -6.48
CA GLN B 271 -15.33 -12.34 -6.71
C GLN B 271 -15.95 -12.62 -8.09
N LYS B 272 -17.16 -12.08 -8.28
CA LYS B 272 -17.87 -12.24 -9.54
C LYS B 272 -17.57 -11.13 -10.54
N ALA B 273 -17.26 -9.92 -10.07
CA ALA B 273 -16.96 -8.81 -10.94
C ALA B 273 -16.23 -7.74 -10.15
N LEU B 274 -15.39 -6.98 -10.84
CA LEU B 274 -14.64 -5.87 -10.26
C LEU B 274 -15.20 -4.57 -10.82
N VAL B 275 -15.60 -3.67 -9.92
CA VAL B 275 -16.18 -2.39 -10.31
C VAL B 275 -15.18 -1.29 -9.93
N LEU B 276 -14.89 -0.42 -10.89
CA LEU B 276 -13.92 0.67 -10.70
C LEU B 276 -14.67 1.97 -10.49
N GLY B 277 -14.44 2.60 -9.34
CA GLY B 277 -15.01 3.90 -9.04
C GLY B 277 -14.20 5.03 -9.62
N HIS B 278 -14.26 6.18 -8.96
CA HIS B 278 -13.53 7.36 -9.42
C HIS B 278 -12.06 7.27 -9.01
N PHE B 279 -11.17 7.41 -9.98
CA PHE B 279 -9.73 7.54 -9.77
C PHE B 279 -9.33 8.87 -10.39
N SER B 280 -9.36 9.93 -9.58
CA SER B 280 -9.21 11.29 -10.06
C SER B 280 -7.89 11.88 -9.62
N GLU B 281 -7.58 13.05 -10.19
CA GLU B 281 -6.37 13.82 -9.88
C GLU B 281 -5.10 12.99 -10.12
N PHE B 282 -4.81 12.82 -11.40
CA PHE B 282 -3.63 12.11 -11.84
C PHE B 282 -2.50 13.08 -12.15
N LYS B 283 -1.35 12.52 -12.50
CA LYS B 283 -0.22 13.32 -12.97
C LYS B 283 0.65 12.53 -13.94
N LEU B 284 0.17 12.32 -15.17
CA LEU B 284 0.96 11.58 -16.15
C LEU B 284 2.02 12.50 -16.76
N SER B 285 3.01 11.87 -17.39
CA SER B 285 4.13 12.59 -17.99
C SER B 285 4.51 11.93 -19.31
N ASP B 286 5.50 12.53 -19.99
CA ASP B 286 5.99 11.96 -21.23
C ASP B 286 6.72 10.64 -20.99
N TYR B 287 7.27 10.44 -19.79
N TYR B 287 7.26 10.45 -19.78
CA TYR B 287 7.96 9.18 -19.51
CA TYR B 287 7.94 9.21 -19.44
C TYR B 287 7.01 8.00 -19.43
C TYR B 287 7.02 8.01 -19.47
N ASP B 288 5.70 8.23 -19.35
CA ASP B 288 4.77 7.12 -19.40
C ASP B 288 4.72 6.48 -20.79
N ASN B 289 4.99 7.27 -21.83
CA ASN B 289 5.07 6.79 -23.21
C ASN B 289 3.79 6.06 -23.61
N GLY B 290 2.65 6.72 -23.39
CA GLY B 290 1.36 6.15 -23.72
C GLY B 290 0.69 5.38 -22.60
N TYR B 291 1.36 5.20 -21.46
CA TYR B 291 0.76 4.51 -20.33
C TYR B 291 -0.20 5.44 -19.60
N ASP B 292 -1.41 4.96 -19.33
CA ASP B 292 -2.43 5.74 -18.66
C ASP B 292 -3.43 4.77 -18.03
N PHE B 293 -4.66 5.24 -17.81
CA PHE B 293 -5.68 4.40 -17.22
C PHE B 293 -6.20 3.36 -18.22
N ASN B 294 -6.28 3.73 -19.50
CA ASN B 294 -6.75 2.79 -20.50
C ASN B 294 -5.77 1.65 -20.72
N ALA B 295 -4.47 1.97 -20.78
CA ALA B 295 -3.46 0.93 -20.95
C ALA B 295 -3.38 0.04 -19.72
N LEU B 297 -6.07 -0.52 -17.67
CA LEU B 297 -7.32 -1.26 -17.65
C LEU B 297 -7.29 -2.42 -18.64
N SER B 298 -6.67 -2.21 -19.81
CA SER B 298 -6.56 -3.29 -20.78
C SER B 298 -5.63 -4.39 -20.29
N TRP B 299 -4.54 -4.02 -19.62
CA TRP B 299 -3.66 -5.02 -19.04
C TRP B 299 -4.32 -5.71 -17.85
N LEU B 300 -5.16 -5.00 -17.10
CA LEU B 300 -5.85 -5.60 -15.98
C LEU B 300 -6.88 -6.62 -16.44
N ARG B 301 -7.66 -6.28 -17.47
CA ARG B 301 -8.66 -7.21 -17.97
C ARG B 301 -8.04 -8.43 -18.63
N SER B 302 -6.84 -8.28 -19.21
CA SER B 302 -6.14 -9.44 -19.76
C SER B 302 -5.59 -10.33 -18.66
N ARG B 303 -5.17 -9.74 -17.54
CA ARG B 303 -4.64 -10.53 -16.43
C ARG B 303 -5.76 -11.15 -15.60
N LEU B 304 -6.76 -10.36 -15.22
CA LEU B 304 -7.81 -10.85 -14.34
C LEU B 304 -8.71 -11.84 -15.08
N SER B 305 -9.29 -12.76 -14.30
CA SER B 305 -10.24 -13.73 -14.81
C SER B 305 -11.69 -13.31 -14.62
N ILE B 306 -11.93 -12.23 -13.87
CA ILE B 306 -13.28 -11.74 -13.62
C ILE B 306 -13.51 -10.50 -14.48
N PRO B 307 -14.75 -10.18 -14.84
CA PRO B 307 -15.00 -8.97 -15.63
C PRO B 307 -14.78 -7.71 -14.80
N VAL B 308 -14.21 -6.70 -15.44
CA VAL B 308 -13.93 -5.41 -14.81
C VAL B 308 -14.86 -4.37 -15.43
N VAL B 309 -15.68 -3.75 -14.59
CA VAL B 309 -16.65 -2.76 -15.03
C VAL B 309 -16.24 -1.40 -14.46
N THR B 310 -16.23 -0.38 -15.32
CA THR B 310 -15.82 0.96 -14.94
C THR B 310 -17.01 1.91 -15.00
N GLY B 311 -16.80 3.11 -14.47
CA GLY B 311 -17.80 4.16 -14.51
C GLY B 311 -18.58 4.37 -13.23
N LEU B 312 -18.29 3.62 -12.18
CA LEU B 312 -19.00 3.76 -10.91
C LEU B 312 -18.81 5.18 -10.37
N PRO B 313 -19.90 5.93 -10.15
CA PRO B 313 -19.76 7.32 -9.68
C PRO B 313 -19.58 7.37 -8.17
N PHE B 314 -18.42 6.91 -7.72
CA PHE B 314 -18.08 6.92 -6.30
C PHE B 314 -16.58 7.17 -6.13
N GLY B 315 -16.25 7.99 -5.16
CA GLY B 315 -14.87 8.31 -4.88
C GLY B 315 -14.78 9.61 -4.09
N HIS B 316 -13.60 10.22 -4.13
CA HIS B 316 -13.38 11.50 -3.49
C HIS B 316 -13.77 12.65 -4.41
N THR B 317 -15.00 12.58 -4.94
CA THR B 317 -15.54 13.59 -5.82
C THR B 317 -16.70 14.31 -5.14
N LYS B 318 -17.09 15.44 -5.73
CA LYS B 318 -18.22 16.19 -5.20
C LYS B 318 -19.50 15.35 -5.24
N ASP B 319 -19.77 14.72 -6.39
CA ASP B 319 -20.93 13.87 -6.55
C ASP B 319 -20.53 12.42 -6.29
N LYS B 320 -21.11 11.83 -5.25
CA LYS B 320 -20.86 10.45 -4.90
C LYS B 320 -22.15 9.80 -4.41
N VAL B 321 -22.19 8.48 -4.47
CA VAL B 321 -23.34 7.71 -4.02
C VAL B 321 -23.00 7.01 -2.72
N THR B 322 -24.04 6.54 -2.04
CA THR B 322 -23.89 5.79 -0.80
C THR B 322 -24.07 4.30 -1.12
N LEU B 323 -22.99 3.54 -0.97
CA LEU B 323 -22.99 2.12 -1.32
C LEU B 323 -23.04 1.29 -0.06
N PRO B 324 -24.11 0.51 0.17
CA PRO B 324 -24.16 -0.36 1.35
C PRO B 324 -23.14 -1.49 1.28
N VAL B 325 -22.05 -1.36 2.03
CA VAL B 325 -21.04 -2.41 2.07
C VAL B 325 -21.60 -3.59 2.84
N GLY B 326 -21.69 -4.74 2.17
CA GLY B 326 -22.28 -5.93 2.75
C GLY B 326 -23.66 -6.26 2.24
N GLY B 327 -24.26 -5.40 1.42
CA GLY B 327 -25.57 -5.64 0.86
C GLY B 327 -25.54 -6.64 -0.28
N ARG B 328 -26.70 -6.81 -0.90
CA ARG B 328 -26.89 -7.75 -1.99
C ARG B 328 -27.04 -6.94 -3.28
N ALA B 329 -25.98 -6.92 -4.09
CA ALA B 329 -25.93 -6.10 -5.29
C ALA B 329 -26.29 -6.92 -6.52
N HIS B 330 -26.79 -6.21 -7.55
CA HIS B 330 -27.15 -6.81 -8.83
C HIS B 330 -26.53 -5.95 -9.92
N LEU B 331 -25.42 -6.40 -10.48
CA LEU B 331 -24.68 -5.64 -11.48
C LEU B 331 -25.13 -6.04 -12.88
N SER B 333 -24.62 -4.76 -17.03
CA SER B 333 -24.00 -3.92 -18.06
C SER B 333 -24.51 -4.34 -19.42
N LYS B 334 -24.99 -3.37 -20.20
CA LYS B 334 -25.63 -3.62 -21.49
C LYS B 334 -24.97 -2.78 -22.58
N ALA B 335 -23.65 -2.95 -22.71
CA ALA B 335 -22.85 -2.24 -23.72
C ALA B 335 -23.03 -0.72 -23.60
N GLY B 336 -22.42 -0.17 -22.56
CA GLY B 336 -22.48 1.24 -22.26
C GLY B 336 -23.50 1.60 -21.19
N LYS B 337 -24.58 0.84 -21.10
CA LYS B 337 -25.63 1.07 -20.10
C LYS B 337 -25.38 0.12 -18.93
N ILE B 338 -25.00 0.68 -17.79
CA ILE B 338 -24.66 -0.08 -16.60
C ILE B 338 -25.60 0.30 -15.47
N GLN B 339 -26.10 -0.71 -14.75
CA GLN B 339 -27.05 -0.52 -13.67
C GLN B 339 -26.67 -1.41 -12.50
N LEU B 340 -26.77 -0.86 -11.29
CA LEU B 340 -26.38 -1.56 -10.06
C LEU B 340 -27.50 -1.42 -9.03
N ASP B 341 -28.29 -2.48 -8.86
CA ASP B 341 -29.33 -2.52 -7.85
C ASP B 341 -28.78 -3.13 -6.57
N ILE B 342 -29.09 -2.51 -5.44
CA ILE B 342 -28.58 -2.92 -4.13
C ILE B 342 -29.76 -3.16 -3.20
N GLY B 343 -29.66 -4.24 -2.41
CA GLY B 343 -30.69 -4.57 -1.45
C GLY B 343 -30.13 -5.37 -0.30
N ASP B 344 -31.03 -5.77 0.60
CA ASP B 344 -30.69 -6.58 1.77
C ASP B 344 -29.67 -5.87 2.66
N TYR B 345 -30.08 -4.69 3.15
CA TYR B 345 -29.26 -3.91 4.07
C TYR B 345 -30.18 -3.19 5.04
N PRO B 346 -29.73 -2.93 6.27
CA PRO B 346 -30.60 -2.26 7.25
C PRO B 346 -30.89 -0.83 6.84
N THR B 347 -32.13 -0.41 7.11
CA THR B 347 -32.56 0.94 6.77
C THR B 347 -32.66 1.82 8.01
#